data_2KBP
#
_entry.id   2KBP
#
_entity_poly.entity_id   1
_entity_poly.type   'polyribonucleotide'
_entity_poly.pdbx_seq_one_letter_code
;UAGGGUUAGGGU
;
_entity_poly.pdbx_strand_id   A,B
#